data_1DUX
#
_entry.id   1DUX
#
_cell.length_a   33.245
_cell.length_b   140.523
_cell.length_c   38.620
_cell.angle_alpha   90.00
_cell.angle_beta   115.52
_cell.angle_gamma   90.00
#
_symmetry.space_group_name_H-M   'P 1 21 1'
#
loop_
_entity.id
_entity.type
_entity.pdbx_description
1 polymer "DNA (5'-D(*TP*GP*AP*CP*CP*GP*GP*AP*AP*GP*TP*GP*T)-3')"
2 polymer "DNA (5'-D(*AP*CP*AP*CP*TP*TP*CP*CP*GP*GP*TP*CP*A)-3')"
3 polymer 'ETS-DOMAIN PROTEIN ELK-1'
4 water water
#
loop_
_entity_poly.entity_id
_entity_poly.type
_entity_poly.pdbx_seq_one_letter_code
_entity_poly.pdbx_strand_id
1 'polydeoxyribonucleotide' (DT)(DG)(DA)(DC)(DC)(DG)(DG)(DA)(DA)(DG)(DT)(DG)(DT) A,D
2 'polydeoxyribonucleotide' (DA)(DC)(DA)(DC)(DT)(DT)(DC)(DC)(DG)(DG)(DT)(DC)(DA) B,E
3 'polypeptide(L)'
;MDPSVTLWQFLLQLLREQGNGHIISWTSRDGGEFKLVDAEEVARLWGLRKNKTNMNYDKLSRALRYYYDKNIIRKVSGQK
FVYKFVSYPEVAGC
;
C,F
#
# COMPACT_ATOMS: atom_id res chain seq x y z
N VAL E 5 2.08 -5.35 10.68
CA VAL E 5 2.07 -3.92 10.32
C VAL E 5 1.06 -3.18 11.19
N THR E 6 1.46 -2.05 11.75
CA THR E 6 0.55 -1.27 12.59
C THR E 6 -0.37 -0.39 11.74
N LEU E 7 -1.44 0.07 12.37
CA LEU E 7 -2.41 0.93 11.71
C LEU E 7 -1.72 2.20 11.26
N TRP E 8 -0.94 2.83 12.13
CA TRP E 8 -0.27 4.06 11.74
C TRP E 8 0.71 3.86 10.59
N GLN E 9 1.42 2.74 10.58
CA GLN E 9 2.37 2.46 9.50
C GLN E 9 1.59 2.29 8.20
N PHE E 10 0.48 1.57 8.27
CA PHE E 10 -0.37 1.34 7.11
C PHE E 10 -0.86 2.66 6.54
N LEU E 11 -1.34 3.54 7.41
CA LEU E 11 -1.83 4.83 6.95
C LEU E 11 -0.70 5.59 6.21
N LEU E 12 0.50 5.53 6.77
CA LEU E 12 1.66 6.19 6.18
C LEU E 12 1.93 5.60 4.79
N GLN E 13 1.79 4.27 4.68
CA GLN E 13 2.00 3.61 3.40
C GLN E 13 0.97 4.07 2.36
N LEU E 14 -0.30 4.13 2.75
CA LEU E 14 -1.34 4.58 1.83
C LEU E 14 -1.10 5.99 1.31
N LEU E 15 -0.72 6.88 2.23
CA LEU E 15 -0.46 8.28 1.88
C LEU E 15 0.71 8.39 0.92
N ARG E 16 1.68 7.52 1.09
CA ARG E 16 2.87 7.52 0.27
C ARG E 16 2.63 6.83 -1.07
N GLU E 17 1.84 5.75 -1.04
CA GLU E 17 1.59 4.95 -2.23
C GLU E 17 0.42 5.27 -3.15
N GLN E 18 -0.64 5.87 -2.62
CA GLN E 18 -1.80 6.23 -3.44
C GLN E 18 -1.37 7.25 -4.50
N GLY E 19 -1.88 7.11 -5.72
CA GLY E 19 -1.50 8.06 -6.76
C GLY E 19 -2.31 9.36 -6.68
N ASN E 20 -3.32 9.38 -5.82
CA ASN E 20 -4.18 10.53 -5.67
C ASN E 20 -4.80 10.61 -4.28
N GLY E 21 -5.70 11.56 -4.08
CA GLY E 21 -6.34 11.74 -2.79
C GLY E 21 -7.79 11.29 -2.77
N HIS E 22 -8.13 10.29 -3.58
CA HIS E 22 -9.50 9.81 -3.63
C HIS E 22 -9.96 9.09 -2.35
N ILE E 23 -9.05 8.44 -1.61
CA ILE E 23 -9.47 7.78 -0.37
C ILE E 23 -8.76 8.34 0.87
N ILE E 24 -7.53 8.80 0.71
CA ILE E 24 -6.81 9.40 1.82
C ILE E 24 -5.94 10.53 1.25
N SER E 25 -5.74 11.58 2.04
CA SER E 25 -4.95 12.71 1.58
C SER E 25 -4.39 13.53 2.72
N TRP E 26 -3.20 14.10 2.52
CA TRP E 26 -2.62 14.97 3.53
C TRP E 26 -3.48 16.23 3.44
N THR E 27 -3.70 16.89 4.57
CA THR E 27 -4.46 18.13 4.57
C THR E 27 -3.38 19.19 4.75
N SER E 28 -2.50 18.96 5.72
CA SER E 28 -1.36 19.82 5.96
C SER E 28 -0.22 18.87 6.26
N ARG E 29 0.52 18.49 5.23
CA ARG E 29 1.62 17.55 5.40
C ARG E 29 2.68 18.07 6.36
N ASP E 30 2.97 19.36 6.28
CA ASP E 30 3.96 19.97 7.16
C ASP E 30 3.62 19.59 8.61
N GLY E 31 2.32 19.65 8.93
CA GLY E 31 1.89 19.31 10.28
C GLY E 31 1.52 17.85 10.53
N GLY E 32 1.72 16.99 9.53
CA GLY E 32 1.39 15.59 9.69
C GLY E 32 -0.10 15.32 9.76
N GLU E 33 -0.89 16.28 9.30
CA GLU E 33 -2.34 16.15 9.32
C GLU E 33 -2.86 15.58 7.99
N PHE E 34 -3.77 14.63 8.10
CA PHE E 34 -4.33 13.96 6.93
C PHE E 34 -5.81 13.67 7.11
N LYS E 35 -6.50 13.48 5.99
CA LYS E 35 -7.92 13.21 6.03
C LYS E 35 -8.26 11.89 5.37
N LEU E 36 -9.16 11.13 6.00
CA LEU E 36 -9.59 9.88 5.41
C LEU E 36 -10.77 10.27 4.52
N VAL E 37 -10.44 10.61 3.26
CA VAL E 37 -11.43 11.05 2.28
C VAL E 37 -12.54 10.02 2.09
N ASP E 38 -12.17 8.75 2.02
CA ASP E 38 -13.16 7.68 1.89
C ASP E 38 -12.81 6.73 3.03
N ALA E 39 -13.31 7.09 4.22
CA ALA E 39 -13.04 6.35 5.44
C ALA E 39 -13.33 4.85 5.41
N GLU E 40 -14.46 4.48 4.83
CA GLU E 40 -14.83 3.06 4.77
C GLU E 40 -13.92 2.29 3.82
N GLU E 41 -13.42 2.95 2.78
CA GLU E 41 -12.52 2.28 1.83
C GLU E 41 -11.16 2.09 2.51
N VAL E 42 -10.70 3.10 3.22
CA VAL E 42 -9.43 2.99 3.93
C VAL E 42 -9.55 1.85 4.95
N ALA E 43 -10.71 1.73 5.57
CA ALA E 43 -10.93 0.69 6.58
C ALA E 43 -10.96 -0.69 5.93
N ARG E 44 -11.64 -0.80 4.79
N ARG E 44 -11.65 -0.83 4.80
CA ARG E 44 -11.72 -2.07 4.07
CA ARG E 44 -11.70 -2.13 4.14
C ARG E 44 -10.30 -2.58 3.83
C ARG E 44 -10.28 -2.59 3.85
N LEU E 45 -9.48 -1.72 3.23
CA LEU E 45 -8.10 -2.05 2.92
C LEU E 45 -7.30 -2.43 4.18
N TRP E 46 -7.51 -1.71 5.28
CA TRP E 46 -6.82 -2.01 6.53
C TRP E 46 -7.18 -3.43 6.97
N GLY E 47 -8.46 -3.77 6.90
CA GLY E 47 -8.87 -5.11 7.27
C GLY E 47 -8.22 -6.16 6.39
N LEU E 48 -8.09 -5.87 5.10
CA LEU E 48 -7.49 -6.82 4.18
C LEU E 48 -6.02 -7.08 4.45
N ARG E 49 -5.35 -6.17 5.15
CA ARG E 49 -3.94 -6.39 5.50
C ARG E 49 -3.88 -7.57 6.46
N LYS E 50 -5.00 -7.83 7.14
CA LYS E 50 -5.08 -8.94 8.09
C LYS E 50 -6.01 -10.04 7.58
N ASN E 51 -6.22 -10.05 6.27
CA ASN E 51 -7.06 -11.06 5.64
C ASN E 51 -8.51 -11.06 6.12
N LYS E 52 -9.05 -9.88 6.40
CA LYS E 52 -10.45 -9.77 6.83
C LYS E 52 -11.14 -8.79 5.88
N THR E 53 -12.39 -9.10 5.51
CA THR E 53 -13.14 -8.25 4.60
C THR E 53 -14.14 -7.38 5.37
N ASN E 54 -14.16 -7.51 6.69
CA ASN E 54 -15.15 -6.77 7.46
C ASN E 54 -14.68 -5.59 8.33
N MET E 55 -13.55 -4.98 8.02
CA MET E 55 -13.11 -3.84 8.81
C MET E 55 -13.85 -2.61 8.31
N ASN E 56 -14.36 -1.79 9.23
CA ASN E 56 -15.08 -0.58 8.84
C ASN E 56 -14.50 0.61 9.59
N TYR E 57 -15.02 1.80 9.31
CA TYR E 57 -14.49 2.99 9.95
C TYR E 57 -14.78 3.07 11.45
N ASP E 58 -15.90 2.52 11.89
CA ASP E 58 -16.22 2.56 13.31
C ASP E 58 -15.13 1.87 14.11
N LYS E 59 -14.63 0.76 13.59
CA LYS E 59 -13.60 0.01 14.27
C LYS E 59 -12.20 0.60 14.05
N LEU E 60 -11.93 1.06 12.84
CA LEU E 60 -10.63 1.67 12.56
C LEU E 60 -10.51 2.96 13.35
N SER E 61 -11.59 3.74 13.40
CA SER E 61 -11.55 5.00 14.15
C SER E 61 -11.26 4.73 15.62
N ARG E 62 -11.80 3.63 16.14
CA ARG E 62 -11.57 3.28 17.55
C ARG E 62 -10.09 2.99 17.77
N ALA E 63 -9.50 2.31 16.80
CA ALA E 63 -8.08 2.00 16.87
C ALA E 63 -7.31 3.32 16.93
N LEU E 64 -7.72 4.29 16.10
CA LEU E 64 -7.05 5.59 16.10
C LEU E 64 -7.26 6.29 17.45
N ARG E 65 -8.42 6.11 18.06
CA ARG E 65 -8.67 6.73 19.36
C ARG E 65 -7.75 6.13 20.41
N TYR E 66 -7.46 4.84 20.25
CA TYR E 66 -6.55 4.13 21.15
C TYR E 66 -5.15 4.78 21.06
N TYR E 67 -4.87 5.44 19.94
CA TYR E 67 -3.57 6.12 19.75
C TYR E 67 -3.45 7.45 20.49
N TYR E 68 -4.58 8.04 20.86
CA TYR E 68 -4.56 9.34 21.54
C TYR E 68 -3.69 9.37 22.80
N ASP E 69 -3.89 8.41 23.69
N ASP E 69 -3.90 8.41 23.69
CA ASP E 69 -3.12 8.34 24.92
CA ASP E 69 -3.13 8.33 24.92
C ASP E 69 -1.69 7.88 24.68
C ASP E 69 -1.70 7.85 24.69
N LYS E 70 -1.43 7.31 23.50
CA LYS E 70 -0.08 6.85 23.17
C LYS E 70 0.72 7.97 22.51
N ASN E 71 0.07 9.12 22.32
CA ASN E 71 0.71 10.27 21.71
C ASN E 71 1.31 9.94 20.34
N ILE E 72 0.65 9.06 19.61
CA ILE E 72 1.07 8.67 18.27
C ILE E 72 0.25 9.48 17.26
N ILE E 73 -1.05 9.48 17.47
CA ILE E 73 -1.97 10.22 16.61
C ILE E 73 -3.00 10.94 17.47
N ARG E 74 -3.43 12.10 16.99
CA ARG E 74 -4.44 12.91 17.65
C ARG E 74 -5.45 13.34 16.61
N LYS E 75 -6.64 13.69 17.09
CA LYS E 75 -7.71 14.14 16.23
C LYS E 75 -7.52 15.62 15.93
N VAL E 76 -7.93 16.04 14.74
CA VAL E 76 -7.88 17.45 14.38
C VAL E 76 -9.32 17.91 14.59
N SER E 77 -9.59 18.43 15.78
CA SER E 77 -10.95 18.88 16.13
C SER E 77 -11.59 19.85 15.16
N GLY E 78 -12.87 19.61 14.89
CA GLY E 78 -13.60 20.50 14.00
C GLY E 78 -13.56 20.13 12.53
N GLN E 79 -12.85 19.07 12.18
CA GLN E 79 -12.76 18.65 10.80
C GLN E 79 -13.05 17.15 10.71
N LYS E 80 -14.07 16.79 9.94
CA LYS E 80 -14.44 15.40 9.82
C LYS E 80 -13.41 14.55 9.09
N PHE E 81 -13.09 13.41 9.73
CA PHE E 81 -12.16 12.44 9.20
C PHE E 81 -10.70 12.90 9.13
N VAL E 82 -10.39 14.02 9.79
CA VAL E 82 -9.02 14.52 9.79
C VAL E 82 -8.28 14.17 11.07
N TYR E 83 -7.09 13.59 10.90
CA TYR E 83 -6.25 13.21 12.03
C TYR E 83 -4.85 13.80 11.88
N LYS E 84 -4.02 13.60 12.90
CA LYS E 84 -2.68 14.17 12.89
C LYS E 84 -1.61 13.26 13.50
N PHE E 85 -0.55 12.97 12.73
CA PHE E 85 0.54 12.17 13.27
C PHE E 85 1.33 13.15 14.14
N VAL E 86 1.50 12.84 15.43
CA VAL E 86 2.23 13.76 16.30
C VAL E 86 3.76 13.65 16.13
N SER E 87 4.24 12.50 15.68
CA SER E 87 5.68 12.33 15.42
C SER E 87 5.89 12.41 13.92
N TYR E 88 6.56 13.49 13.48
CA TYR E 88 6.84 13.77 12.06
C TYR E 88 6.85 12.52 11.19
N PRO E 89 5.93 12.46 10.21
CA PRO E 89 5.74 11.37 9.25
C PRO E 89 6.96 11.03 8.39
N GLU E 90 7.94 10.36 8.98
CA GLU E 90 9.14 9.97 8.26
C GLU E 90 9.15 8.47 7.99
N VAL F 5 8.13 -7.27 5.19
CA VAL F 5 7.20 -7.60 4.12
C VAL F 5 7.98 -8.08 2.90
N THR F 6 7.49 -9.11 2.23
CA THR F 6 8.17 -9.61 1.05
C THR F 6 7.76 -8.84 -0.20
N LEU F 7 8.57 -8.96 -1.25
CA LEU F 7 8.31 -8.28 -2.51
C LEU F 7 6.97 -8.76 -3.05
N TRP F 8 6.74 -10.07 -3.07
CA TRP F 8 5.47 -10.55 -3.62
C TRP F 8 4.26 -10.08 -2.82
N GLN F 9 4.39 -9.99 -1.51
CA GLN F 9 3.28 -9.52 -0.68
C GLN F 9 3.01 -8.06 -1.00
N PHE F 10 4.09 -7.29 -1.14
CA PHE F 10 4.00 -5.87 -1.45
C PHE F 10 3.27 -5.67 -2.77
N LEU F 11 3.66 -6.44 -3.78
CA LEU F 11 3.02 -6.33 -5.09
C LEU F 11 1.52 -6.60 -4.96
N LEU F 12 1.18 -7.62 -4.18
CA LEU F 12 -0.21 -7.99 -3.96
C LEU F 12 -0.95 -6.81 -3.29
N GLN F 13 -0.28 -6.16 -2.34
CA GLN F 13 -0.87 -5.00 -1.67
C GLN F 13 -1.13 -3.85 -2.64
N LEU F 14 -0.16 -3.54 -3.50
CA LEU F 14 -0.33 -2.46 -4.48
C LEU F 14 -1.50 -2.73 -5.41
N LEU F 15 -1.59 -3.96 -5.90
CA LEU F 15 -2.65 -4.34 -6.81
C LEU F 15 -4.02 -4.22 -6.16
N ARG F 16 -4.06 -4.51 -4.86
CA ARG F 16 -5.30 -4.46 -4.11
C ARG F 16 -5.64 -3.04 -3.69
N GLU F 17 -4.61 -2.27 -3.33
CA GLU F 17 -4.80 -0.92 -2.83
C GLU F 17 -4.84 0.27 -3.80
N GLN F 18 -4.19 0.14 -4.96
CA GLN F 18 -4.21 1.23 -5.94
C GLN F 18 -5.63 1.46 -6.44
N GLY F 19 -6.00 2.71 -6.64
CA GLY F 19 -7.35 2.98 -7.12
C GLY F 19 -7.47 2.85 -8.63
N ASN F 20 -6.33 2.70 -9.30
CA ASN F 20 -6.30 2.60 -10.75
C ASN F 20 -5.09 1.78 -11.20
N GLY F 21 -4.84 1.77 -12.51
CA GLY F 21 -3.73 1.00 -13.05
C GLY F 21 -2.63 1.86 -13.65
N HIS F 22 -2.42 3.04 -13.08
CA HIS F 22 -1.37 3.92 -13.59
C HIS F 22 0.05 3.40 -13.32
N ILE F 23 0.26 2.61 -12.26
CA ILE F 23 1.60 2.10 -12.01
C ILE F 23 1.67 0.56 -12.02
N ILE F 24 0.59 -0.10 -11.62
CA ILE F 24 0.55 -1.56 -11.64
C ILE F 24 -0.88 -1.97 -11.97
N SER F 25 -1.04 -3.08 -12.69
CA SER F 25 -2.36 -3.54 -13.07
C SER F 25 -2.39 -5.03 -13.38
N TRP F 26 -3.51 -5.67 -13.09
CA TRP F 26 -3.68 -7.09 -13.43
C TRP F 26 -3.84 -7.06 -14.95
N THR F 27 -3.32 -8.08 -15.62
CA THR F 27 -3.49 -8.17 -17.07
C THR F 27 -4.55 -9.25 -17.22
N SER F 28 -4.36 -10.35 -16.51
CA SER F 28 -5.32 -11.44 -16.49
C SER F 28 -5.35 -11.89 -15.03
N ARG F 29 -6.28 -11.33 -14.27
CA ARG F 29 -6.38 -11.65 -12.85
C ARG F 29 -6.61 -13.10 -12.47
N ASP F 30 -7.58 -13.79 -13.06
CA ASP F 30 -7.77 -15.18 -12.67
C ASP F 30 -6.50 -15.99 -12.93
N GLY F 31 -5.67 -15.50 -13.85
CA GLY F 31 -4.42 -16.16 -14.16
C GLY F 31 -3.29 -15.69 -13.26
N GLY F 32 -3.55 -14.68 -12.44
CA GLY F 32 -2.55 -14.13 -11.55
C GLY F 32 -1.47 -13.33 -12.27
N GLU F 33 -1.76 -12.94 -13.50
CA GLU F 33 -0.82 -12.18 -14.31
C GLU F 33 -1.05 -10.67 -14.16
N PHE F 34 0.05 -9.94 -13.98
CA PHE F 34 -0.02 -8.49 -13.78
C PHE F 34 1.13 -7.80 -14.48
N LYS F 35 0.94 -6.50 -14.74
CA LYS F 35 1.96 -5.72 -15.41
C LYS F 35 2.41 -4.53 -14.59
N LEU F 36 3.71 -4.29 -14.56
CA LEU F 36 4.24 -3.14 -13.83
C LEU F 36 4.18 -2.01 -14.86
N VAL F 37 3.03 -1.33 -14.89
CA VAL F 37 2.80 -0.23 -15.82
C VAL F 37 3.86 0.85 -15.72
N ASP F 38 4.22 1.20 -14.49
CA ASP F 38 5.27 2.19 -14.26
C ASP F 38 6.26 1.48 -13.34
N ALA F 39 7.10 0.68 -13.95
CA ALA F 39 8.09 -0.14 -13.24
C ALA F 39 8.98 0.59 -12.26
N GLU F 40 9.49 1.76 -12.65
CA GLU F 40 10.37 2.53 -11.78
C GLU F 40 9.62 3.09 -10.58
N GLU F 41 8.34 3.41 -10.75
CA GLU F 41 7.56 3.95 -9.65
C GLU F 41 7.24 2.83 -8.67
N VAL F 42 6.92 1.64 -9.20
CA VAL F 42 6.66 0.51 -8.32
C VAL F 42 7.92 0.20 -7.54
N ALA F 43 9.07 0.32 -8.20
CA ALA F 43 10.34 0.04 -7.54
C ALA F 43 10.65 1.07 -6.46
N ARG F 44 10.39 2.34 -6.76
N ARG F 44 10.41 2.34 -6.75
CA ARG F 44 10.64 3.42 -5.81
CA ARG F 44 10.69 3.38 -5.75
C ARG F 44 9.89 3.10 -4.52
C ARG F 44 9.89 3.08 -4.49
N LEU F 45 8.59 2.84 -4.66
CA LEU F 45 7.72 2.52 -3.53
C LEU F 45 8.21 1.29 -2.76
N TRP F 46 8.68 0.27 -3.48
CA TRP F 46 9.19 -0.95 -2.84
C TRP F 46 10.38 -0.57 -1.97
N GLY F 47 11.28 0.24 -2.50
CA GLY F 47 12.43 0.66 -1.72
C GLY F 47 12.02 1.42 -0.47
N LEU F 48 10.99 2.25 -0.59
CA LEU F 48 10.53 3.04 0.55
C LEU F 48 9.94 2.18 1.67
N ARG F 49 9.52 0.96 1.34
CA ARG F 49 8.98 0.08 2.39
C ARG F 49 10.14 -0.26 3.33
N LYS F 50 11.37 -0.14 2.82
CA LYS F 50 12.56 -0.42 3.60
C LYS F 50 13.35 0.86 3.90
N ASN F 51 12.66 1.99 3.81
CA ASN F 51 13.28 3.28 4.09
C ASN F 51 14.46 3.62 3.18
N LYS F 52 14.37 3.25 1.91
CA LYS F 52 15.42 3.55 0.94
C LYS F 52 14.77 4.27 -0.23
N THR F 53 15.43 5.30 -0.75
CA THR F 53 14.90 6.06 -1.89
C THR F 53 15.53 5.63 -3.20
N ASN F 54 16.45 4.68 -3.14
CA ASN F 54 17.15 4.27 -4.35
C ASN F 54 16.83 2.92 -5.00
N MET F 55 15.64 2.37 -4.77
CA MET F 55 15.30 1.10 -5.40
C MET F 55 14.82 1.39 -6.81
N ASN F 56 15.30 0.63 -7.79
CA ASN F 56 14.89 0.84 -9.17
C ASN F 56 14.41 -0.48 -9.76
N TYR F 57 13.96 -0.45 -11.01
CA TYR F 57 13.45 -1.67 -11.63
C TYR F 57 14.51 -2.72 -11.90
N ASP F 58 15.74 -2.29 -12.16
CA ASP F 58 16.79 -3.26 -12.43
C ASP F 58 16.98 -4.18 -11.24
N LYS F 59 16.92 -3.60 -10.05
CA LYS F 59 17.10 -4.37 -8.82
C LYS F 59 15.83 -5.11 -8.41
N LEU F 60 14.68 -4.49 -8.58
CA LEU F 60 13.42 -5.13 -8.24
C LEU F 60 13.19 -6.30 -9.19
N SER F 61 13.48 -6.10 -10.48
CA SER F 61 13.29 -7.17 -11.44
C SER F 61 14.18 -8.36 -11.09
N ARG F 62 15.37 -8.09 -10.57
CA ARG F 62 16.28 -9.17 -10.19
C ARG F 62 15.67 -9.96 -9.04
N ALA F 63 15.05 -9.25 -8.11
CA ALA F 63 14.40 -9.89 -6.99
C ALA F 63 13.31 -10.82 -7.55
N LEU F 64 12.57 -10.33 -8.55
CA LEU F 64 11.52 -11.16 -9.15
C LEU F 64 12.12 -12.37 -9.85
N ARG F 65 13.30 -12.21 -10.45
CA ARG F 65 13.95 -13.33 -11.12
C ARG F 65 14.35 -14.38 -10.09
N TYR F 66 14.73 -13.92 -8.90
CA TYR F 66 15.09 -14.80 -7.81
C TYR F 66 13.87 -15.67 -7.44
N TYR F 67 12.67 -15.21 -7.76
CA TYR F 67 11.43 -15.94 -7.47
C TYR F 67 11.16 -17.08 -8.45
N TYR F 68 11.77 -17.03 -9.63
CA TYR F 68 11.55 -18.06 -10.64
C TYR F 68 11.78 -19.48 -10.13
N ASP F 69 12.93 -19.71 -9.50
N ASP F 69 12.92 -19.72 -9.51
CA ASP F 69 13.28 -21.02 -8.98
CA ASP F 69 13.24 -21.05 -9.00
C ASP F 69 12.49 -21.37 -7.72
C ASP F 69 12.47 -21.38 -7.73
N LYS F 70 11.86 -20.37 -7.11
CA LYS F 70 11.08 -20.59 -5.89
C LYS F 70 9.64 -20.89 -6.26
N ASN F 71 9.35 -20.92 -7.55
CA ASN F 71 8.01 -21.20 -8.04
C ASN F 71 6.97 -20.29 -7.41
N ILE F 72 7.34 -19.04 -7.15
CA ILE F 72 6.43 -18.06 -6.56
C ILE F 72 5.91 -17.15 -7.67
N ILE F 73 6.82 -16.68 -8.50
CA ILE F 73 6.48 -15.82 -9.61
C ILE F 73 7.25 -16.25 -10.84
N ARG F 74 6.63 -16.10 -11.99
CA ARG F 74 7.23 -16.43 -13.26
C ARG F 74 7.00 -15.28 -14.21
N LYS F 75 7.84 -15.19 -15.23
CA LYS F 75 7.73 -14.15 -16.23
C LYS F 75 6.70 -14.56 -17.26
N VAL F 76 5.98 -13.59 -17.82
CA VAL F 76 5.02 -13.86 -18.88
C VAL F 76 5.80 -13.48 -20.14
N SER F 77 6.45 -14.47 -20.75
CA SER F 77 7.26 -14.24 -21.95
C SER F 77 6.55 -13.52 -23.09
N GLY F 78 7.27 -12.58 -23.70
CA GLY F 78 6.72 -11.86 -24.83
C GLY F 78 5.95 -10.60 -24.49
N GLN F 79 5.84 -10.28 -23.21
CA GLN F 79 5.13 -9.07 -22.79
C GLN F 79 6.00 -8.30 -21.80
N LYS F 80 6.30 -7.06 -22.14
CA LYS F 80 7.13 -6.22 -21.29
C LYS F 80 6.49 -5.91 -19.94
N PHE F 81 7.28 -6.10 -18.89
CA PHE F 81 6.85 -5.80 -17.53
C PHE F 81 5.71 -6.66 -16.98
N VAL F 82 5.38 -7.74 -17.67
CA VAL F 82 4.30 -8.60 -17.21
C VAL F 82 4.83 -9.85 -16.49
N TYR F 83 4.30 -10.08 -15.30
CA TYR F 83 4.69 -11.25 -14.51
C TYR F 83 3.46 -12.04 -14.08
N LYS F 84 3.69 -13.18 -13.44
CA LYS F 84 2.61 -14.07 -13.04
C LYS F 84 2.79 -14.72 -11.68
N PHE F 85 1.83 -14.55 -10.78
CA PHE F 85 1.90 -15.21 -9.48
C PHE F 85 1.49 -16.65 -9.77
N VAL F 86 2.34 -17.62 -9.44
CA VAL F 86 1.99 -19.01 -9.73
C VAL F 86 1.01 -19.60 -8.70
N SER F 87 1.01 -19.05 -7.49
CA SER F 87 0.08 -19.49 -6.46
C SER F 87 -1.07 -18.49 -6.42
N TYR F 88 -2.28 -19.00 -6.63
CA TYR F 88 -3.50 -18.20 -6.65
C TYR F 88 -3.58 -17.11 -5.59
N PRO F 89 -3.77 -15.84 -6.04
CA PRO F 89 -3.87 -14.69 -5.15
C PRO F 89 -5.32 -14.39 -4.73
N GLU F 90 -5.66 -13.10 -4.70
CA GLU F 90 -7.00 -12.66 -4.29
C GLU F 90 -7.35 -13.22 -2.92
#